data_3DIT
#
_entry.id   3DIT
#
_cell.length_a   95.864
_cell.length_b   95.864
_cell.length_c   66.726
_cell.angle_alpha   90.000
_cell.angle_beta   90.000
_cell.angle_gamma   120.000
#
_symmetry.space_group_name_H-M   'P 32'
#
loop_
_entity.id
_entity.type
_entity.pdbx_description
1 polymer 'Protein mothers against dpp'
2 water water
#
_entity_poly.entity_id   1
_entity_poly.type   'polypeptide(L)'
_entity_poly.pdbx_seq_one_letter_code
;AFWASIAYYELNCRVGEVFHCNNNSVIVDGFTNPSNNSDRCCLGQLSNVNRNSTIENTRRHIGKGVHLYYVTGEVYAECL
SDSAIFVQSRNCNYHHGFHPSTVCKIPPGCSLKIFNNQEFAQLLSQSVNNGFEAVYELTKMCTIRMSFVKGWGAEYHRQD
VTSTPCWIEIHLHGPLQWLDKVLTQMGS
;
_entity_poly.pdbx_strand_id   A,B,C
#
# COMPACT_ATOMS: atom_id res chain seq x y z
N ALA A 1 -37.13 16.31 -2.89
CA ALA A 1 -38.48 15.70 -2.69
C ALA A 1 -38.42 14.20 -2.39
N PHE A 2 -37.47 13.50 -3.00
CA PHE A 2 -37.28 12.07 -2.79
C PHE A 2 -35.95 11.88 -2.09
N TRP A 3 -35.94 11.51 -0.80
CA TRP A 3 -34.66 11.37 -0.11
C TRP A 3 -33.77 10.32 -0.75
N ALA A 4 -34.37 9.40 -1.50
CA ALA A 4 -33.60 8.36 -2.14
C ALA A 4 -34.34 7.67 -3.27
N SER A 5 -33.77 6.59 -3.75
CA SER A 5 -34.39 5.88 -4.83
C SER A 5 -33.81 4.49 -4.85
N ILE A 6 -34.68 3.51 -4.67
CA ILE A 6 -34.26 2.14 -4.62
C ILE A 6 -34.45 1.54 -5.98
N ALA A 7 -33.41 0.89 -6.49
CA ALA A 7 -33.45 0.24 -7.79
C ALA A 7 -33.24 -1.23 -7.48
N TYR A 8 -34.19 -2.11 -7.82
CA TYR A 8 -34.03 -3.55 -7.53
C TYR A 8 -33.32 -4.38 -8.62
N TYR A 9 -32.50 -5.34 -8.20
CA TYR A 9 -31.73 -6.20 -9.11
C TYR A 9 -31.90 -7.70 -8.86
N GLU A 10 -31.57 -8.48 -9.89
CA GLU A 10 -31.59 -9.94 -9.85
C GLU A 10 -30.26 -10.36 -10.49
N LEU A 11 -29.35 -10.83 -9.65
CA LEU A 11 -28.01 -11.22 -10.08
C LEU A 11 -27.34 -9.97 -10.68
N ASN A 12 -26.93 -10.00 -11.96
CA ASN A 12 -26.30 -8.81 -12.55
C ASN A 12 -27.26 -8.03 -13.44
N CYS A 13 -28.51 -8.48 -13.47
CA CYS A 13 -29.52 -7.84 -14.30
C CYS A 13 -30.55 -7.07 -13.50
N ARG A 14 -30.62 -5.77 -13.74
CA ARG A 14 -31.58 -4.93 -13.05
C ARG A 14 -32.98 -5.45 -13.39
N VAL A 15 -33.95 -5.19 -12.52
CA VAL A 15 -35.33 -5.63 -12.69
C VAL A 15 -36.28 -4.53 -12.22
N GLY A 16 -37.47 -4.47 -12.80
CA GLY A 16 -38.44 -3.45 -12.44
C GLY A 16 -37.91 -2.02 -12.52
N GLU A 17 -38.83 -1.06 -12.47
CA GLU A 17 -38.50 0.35 -12.54
C GLU A 17 -37.97 0.87 -11.21
N VAL A 18 -37.22 1.97 -11.27
CA VAL A 18 -36.68 2.56 -10.06
C VAL A 18 -37.81 3.12 -9.21
N PHE A 19 -37.84 2.76 -7.92
CA PHE A 19 -38.87 3.24 -6.99
C PHE A 19 -38.31 4.47 -6.32
N HIS A 20 -39.09 5.53 -6.28
CA HIS A 20 -38.70 6.77 -5.62
C HIS A 20 -39.54 6.90 -4.37
N CYS A 21 -38.88 7.20 -3.26
CA CYS A 21 -39.57 7.32 -1.99
C CYS A 21 -39.87 8.74 -1.57
N ASN A 22 -41.15 9.12 -1.69
CA ASN A 22 -41.61 10.45 -1.32
C ASN A 22 -42.17 10.38 0.10
N ASN A 23 -41.75 9.33 0.83
CA ASN A 23 -42.12 9.07 2.23
C ASN A 23 -40.82 8.92 3.02
N ASN A 24 -40.90 8.84 4.34
CA ASN A 24 -39.69 8.69 5.12
C ASN A 24 -39.59 7.31 5.68
N SER A 25 -40.76 6.73 5.94
CA SER A 25 -40.85 5.37 6.45
C SER A 25 -41.28 4.54 5.23
N VAL A 26 -40.32 3.84 4.62
CA VAL A 26 -40.59 3.05 3.43
C VAL A 26 -40.24 1.59 3.62
N ILE A 27 -41.17 0.68 3.35
CA ILE A 27 -40.87 -0.74 3.48
C ILE A 27 -40.58 -1.40 2.15
N VAL A 28 -39.66 -2.33 2.13
CA VAL A 28 -39.39 -3.00 0.88
C VAL A 28 -39.62 -4.48 1.14
N ASP A 29 -40.81 -4.94 0.80
CA ASP A 29 -41.16 -6.33 1.00
C ASP A 29 -40.98 -7.14 -0.26
N GLY A 30 -41.62 -8.30 -0.29
CA GLY A 30 -41.54 -9.19 -1.43
C GLY A 30 -42.82 -9.98 -1.59
N PHE A 31 -43.83 -9.69 -0.77
CA PHE A 31 -45.09 -10.40 -0.84
C PHE A 31 -45.88 -10.13 -2.12
N THR A 32 -47.06 -10.73 -2.22
CA THR A 32 -47.91 -10.61 -3.40
C THR A 32 -49.38 -10.20 -3.13
N ASN A 33 -49.99 -9.55 -4.13
CA ASN A 33 -51.41 -9.11 -4.08
C ASN A 33 -51.76 -7.98 -3.12
N ASN A 36 -49.96 -1.01 -6.52
CA ASN A 36 -50.20 0.35 -6.07
C ASN A 36 -50.13 0.40 -4.54
N ASN A 37 -49.25 1.24 -4.02
CA ASN A 37 -49.07 1.40 -2.57
C ASN A 37 -47.91 2.35 -2.32
N SER A 38 -48.24 3.57 -1.92
CA SER A 38 -47.22 4.57 -1.66
C SER A 38 -46.08 4.04 -0.80
N ASP A 39 -46.28 4.10 0.52
CA ASP A 39 -45.30 3.66 1.52
C ASP A 39 -44.55 2.34 1.27
N ARG A 40 -45.19 1.37 0.63
CA ARG A 40 -44.56 0.07 0.35
C ARG A 40 -44.06 -0.02 -1.08
N CYS A 41 -42.96 -0.73 -1.23
CA CYS A 41 -42.30 -0.97 -2.51
C CYS A 41 -42.25 -2.49 -2.54
N CYS A 42 -43.17 -3.09 -3.28
CA CYS A 42 -43.26 -4.55 -3.35
C CYS A 42 -42.49 -5.17 -4.51
N LEU A 43 -41.53 -6.03 -4.20
CA LEU A 43 -40.72 -6.69 -5.21
C LEU A 43 -41.48 -7.83 -5.90
N GLY A 44 -42.39 -8.43 -5.14
CA GLY A 44 -43.18 -9.55 -5.63
C GLY A 44 -44.05 -9.38 -6.86
N GLN A 45 -44.46 -8.15 -7.13
CA GLN A 45 -45.29 -7.92 -8.30
C GLN A 45 -44.45 -7.57 -9.52
N LEU A 46 -43.14 -7.81 -9.43
CA LEU A 46 -42.26 -7.53 -10.57
C LEU A 46 -42.13 -8.75 -11.48
N SER A 47 -41.43 -8.61 -12.60
CA SER A 47 -41.28 -9.73 -13.51
C SER A 47 -39.87 -9.86 -14.07
N ASN A 48 -39.50 -11.10 -14.37
CA ASN A 48 -38.22 -11.46 -14.94
C ASN A 48 -38.41 -12.84 -15.57
N VAL A 49 -37.79 -13.02 -16.73
CA VAL A 49 -37.87 -14.29 -17.42
C VAL A 49 -36.60 -15.05 -17.07
N ASN A 50 -35.50 -14.31 -17.00
CA ASN A 50 -34.18 -14.87 -16.67
C ASN A 50 -34.23 -15.52 -15.30
N ARG A 51 -35.42 -15.46 -14.68
CA ARG A 51 -35.64 -16.03 -13.36
C ARG A 51 -35.35 -17.54 -13.34
N ASN A 52 -35.59 -18.19 -12.21
CA ASN A 52 -35.32 -19.61 -12.10
C ASN A 52 -35.50 -20.12 -10.67
N SER A 53 -35.10 -21.37 -10.46
CA SER A 53 -35.19 -22.00 -9.14
C SER A 53 -34.39 -21.24 -8.10
N THR A 54 -33.08 -21.14 -8.33
CA THR A 54 -32.17 -20.46 -7.41
C THR A 54 -32.64 -19.05 -7.01
N ILE A 55 -33.33 -18.39 -7.92
CA ILE A 55 -33.85 -17.06 -7.66
C ILE A 55 -35.22 -17.22 -7.02
N GLU A 56 -36.06 -18.02 -7.65
CA GLU A 56 -37.40 -18.26 -7.16
C GLU A 56 -37.34 -18.53 -5.66
N ASN A 57 -36.48 -19.47 -5.28
CA ASN A 57 -36.30 -19.86 -3.88
C ASN A 57 -35.98 -18.72 -2.92
N THR A 58 -35.10 -17.81 -3.32
CA THR A 58 -34.72 -16.69 -2.47
C THR A 58 -35.82 -15.62 -2.40
N ARG A 59 -36.44 -15.36 -3.53
CA ARG A 59 -37.50 -14.38 -3.62
C ARG A 59 -38.70 -14.70 -2.77
N ARG A 60 -38.61 -15.79 -2.00
CA ARG A 60 -39.69 -16.19 -1.10
C ARG A 60 -39.27 -15.97 0.36
N HIS A 61 -37.97 -15.93 0.60
CA HIS A 61 -37.42 -15.71 1.93
C HIS A 61 -37.33 -14.24 2.28
N ILE A 62 -37.51 -13.38 1.28
CA ILE A 62 -37.47 -11.93 1.51
C ILE A 62 -38.59 -11.60 2.49
N GLY A 63 -39.74 -12.24 2.30
CA GLY A 63 -40.85 -12.01 3.19
C GLY A 63 -41.09 -10.56 3.57
N LYS A 64 -41.24 -10.30 4.87
CA LYS A 64 -41.48 -8.93 5.31
C LYS A 64 -40.47 -7.94 4.81
N GLY A 65 -39.39 -8.47 4.22
CA GLY A 65 -38.35 -7.62 3.67
C GLY A 65 -37.65 -6.68 4.63
N VAL A 66 -37.28 -5.50 4.14
CA VAL A 66 -36.60 -4.49 4.93
C VAL A 66 -37.39 -3.20 5.06
N HIS A 67 -37.18 -2.50 6.16
CA HIS A 67 -37.89 -1.25 6.37
C HIS A 67 -36.83 -0.18 6.53
N LEU A 68 -36.83 0.80 5.63
CA LEU A 68 -35.85 1.86 5.66
C LEU A 68 -36.49 3.09 6.24
N TYR A 69 -35.76 3.76 7.10
CA TYR A 69 -36.24 4.96 7.74
C TYR A 69 -35.30 6.12 7.47
N TYR A 70 -35.87 7.27 7.12
CA TYR A 70 -35.08 8.47 6.89
C TYR A 70 -35.51 9.48 7.94
N VAL A 71 -34.58 9.85 8.81
CA VAL A 71 -34.84 10.80 9.87
C VAL A 71 -33.73 11.85 10.00
N THR A 72 -34.15 13.12 10.08
CA THR A 72 -33.24 14.25 10.22
C THR A 72 -32.09 14.30 9.21
N GLY A 73 -32.07 13.34 8.29
CA GLY A 73 -31.01 13.29 7.30
C GLY A 73 -30.13 12.11 7.61
N GLU A 74 -30.75 11.06 8.09
CA GLU A 74 -30.01 9.89 8.44
C GLU A 74 -30.86 8.73 8.02
N VAL A 75 -30.23 7.64 7.57
CA VAL A 75 -31.04 6.51 7.19
C VAL A 75 -30.82 5.29 8.07
N TYR A 76 -31.92 4.58 8.34
CA TYR A 76 -31.94 3.38 9.17
C TYR A 76 -32.54 2.24 8.39
N ALA A 77 -32.10 1.02 8.71
CA ALA A 77 -32.61 -0.18 8.07
C ALA A 77 -33.00 -1.24 9.09
N GLU A 78 -34.26 -1.65 9.12
CA GLU A 78 -34.68 -2.69 10.05
C GLU A 78 -35.06 -3.91 9.22
N CYS A 79 -34.49 -5.07 9.56
CA CYS A 79 -34.76 -6.33 8.86
C CYS A 79 -36.12 -6.87 9.31
N LEU A 80 -37.14 -6.58 8.52
CA LEU A 80 -38.47 -7.02 8.83
C LEU A 80 -38.63 -8.47 8.42
N SER A 81 -37.85 -8.92 7.46
CA SER A 81 -37.91 -10.30 6.96
C SER A 81 -37.55 -11.36 7.98
N ASP A 82 -38.21 -12.52 7.94
CA ASP A 82 -37.84 -13.58 8.87
C ASP A 82 -36.45 -14.05 8.49
N SER A 83 -36.01 -13.63 7.30
CA SER A 83 -34.70 -13.99 6.81
C SER A 83 -33.79 -12.76 6.68
N ALA A 84 -32.56 -12.92 7.17
CA ALA A 84 -31.54 -11.88 7.19
C ALA A 84 -31.55 -10.84 6.07
N ILE A 85 -30.61 -9.91 6.18
CA ILE A 85 -30.42 -8.80 5.25
C ILE A 85 -28.95 -8.44 5.28
N PHE A 86 -28.36 -8.14 4.12
CA PHE A 86 -26.96 -7.81 4.07
C PHE A 86 -26.67 -6.43 3.49
N VAL A 87 -26.08 -5.54 4.26
CA VAL A 87 -25.79 -4.19 3.79
C VAL A 87 -24.34 -3.81 3.65
N GLN A 88 -24.03 -3.07 2.58
CA GLN A 88 -22.66 -2.60 2.34
C GLN A 88 -22.65 -1.10 2.14
N SER A 89 -22.42 -0.35 3.20
CA SER A 89 -22.40 1.09 3.09
C SER A 89 -21.03 1.61 3.44
N ARG A 90 -20.42 2.30 2.49
CA ARG A 90 -19.10 2.86 2.71
C ARG A 90 -19.21 3.78 3.89
N ASN A 91 -20.34 4.49 4.01
CA ASN A 91 -20.49 5.41 5.12
C ASN A 91 -20.65 4.69 6.44
N CYS A 92 -21.65 3.81 6.54
CA CYS A 92 -21.88 3.05 7.76
C CYS A 92 -20.60 2.39 8.23
N ASN A 93 -19.77 1.95 7.29
CA ASN A 93 -18.50 1.30 7.61
C ASN A 93 -17.52 2.32 8.22
N TYR A 94 -17.22 3.36 7.44
CA TYR A 94 -16.30 4.43 7.86
C TYR A 94 -16.67 4.92 9.23
N HIS A 95 -17.95 4.83 9.54
CA HIS A 95 -18.44 5.25 10.82
C HIS A 95 -17.84 4.32 11.85
N HIS A 96 -18.28 3.06 11.89
CA HIS A 96 -17.73 2.13 12.88
C HIS A 96 -16.28 1.74 12.66
N GLY A 97 -15.62 2.37 11.69
CA GLY A 97 -14.23 2.02 11.43
C GLY A 97 -14.09 0.58 10.96
N PHE A 98 -14.80 0.25 9.90
CA PHE A 98 -14.79 -1.08 9.33
C PHE A 98 -14.01 -1.04 8.02
N HIS A 99 -13.76 -2.20 7.44
CA HIS A 99 -13.11 -2.23 6.14
C HIS A 99 -14.08 -1.35 5.32
N PRO A 100 -13.58 -0.41 4.53
CA PRO A 100 -14.54 0.40 3.78
C PRO A 100 -15.50 -0.40 2.89
N SER A 101 -15.21 -1.68 2.70
CA SER A 101 -16.05 -2.53 1.86
C SER A 101 -16.77 -3.62 2.65
N THR A 102 -16.69 -3.55 3.97
CA THR A 102 -17.34 -4.58 4.77
C THR A 102 -18.81 -4.70 4.42
N VAL A 103 -19.34 -5.92 4.45
CA VAL A 103 -20.75 -6.11 4.21
C VAL A 103 -21.35 -6.48 5.57
N CYS A 104 -22.36 -5.72 6.01
CA CYS A 104 -23.02 -5.93 7.31
C CYS A 104 -24.27 -6.82 7.33
N LYS A 105 -24.31 -7.83 8.20
CA LYS A 105 -25.50 -8.68 8.26
C LYS A 105 -26.48 -8.22 9.32
N ILE A 106 -27.61 -7.66 8.90
CA ILE A 106 -28.60 -7.19 9.87
C ILE A 106 -29.61 -8.29 10.17
N PRO A 107 -29.41 -9.00 11.30
CA PRO A 107 -30.23 -10.11 11.80
C PRO A 107 -31.73 -9.88 11.69
N PRO A 108 -32.50 -10.93 11.39
CA PRO A 108 -33.94 -10.68 11.30
C PRO A 108 -34.41 -10.03 12.60
N GLY A 109 -35.30 -9.05 12.48
CA GLY A 109 -35.78 -8.33 13.63
C GLY A 109 -34.86 -7.14 13.97
N CYS A 110 -33.58 -7.21 13.61
CA CYS A 110 -32.65 -6.12 13.91
C CYS A 110 -32.79 -4.81 13.12
N SER A 111 -31.90 -3.86 13.42
CA SER A 111 -31.88 -2.54 12.77
C SER A 111 -30.45 -2.01 12.83
N LEU A 112 -30.09 -1.15 11.89
CA LEU A 112 -28.76 -0.57 11.79
C LEU A 112 -28.78 0.77 11.06
N LYS A 113 -27.95 1.71 11.52
CA LYS A 113 -27.86 3.04 10.86
C LYS A 113 -26.86 2.99 9.69
N ILE A 114 -27.37 2.74 8.49
CA ILE A 114 -26.52 2.63 7.31
C ILE A 114 -26.06 3.97 6.74
N PHE A 115 -26.48 5.06 7.37
CA PHE A 115 -26.04 6.35 6.93
C PHE A 115 -26.12 7.43 7.99
N ASN A 116 -25.01 8.11 8.16
CA ASN A 116 -24.88 9.18 9.12
C ASN A 116 -24.43 10.41 8.36
N ASN A 117 -25.33 11.39 8.29
CA ASN A 117 -25.10 12.65 7.58
C ASN A 117 -24.05 13.53 8.21
N GLN A 118 -23.96 13.49 9.54
CA GLN A 118 -22.97 14.30 10.22
C GLN A 118 -21.56 13.91 9.76
N GLU A 119 -21.23 12.63 9.78
CA GLU A 119 -19.92 12.18 9.35
C GLU A 119 -19.64 12.60 7.89
N PHE A 120 -20.67 12.45 7.06
CA PHE A 120 -20.60 12.80 5.64
C PHE A 120 -20.13 14.24 5.47
N ALA A 121 -20.95 15.19 5.92
CA ALA A 121 -20.62 16.61 5.85
C ALA A 121 -19.22 16.81 6.39
N GLN A 122 -18.82 15.97 7.33
CA GLN A 122 -17.49 16.06 7.89
C GLN A 122 -16.53 15.68 6.79
N LEU A 123 -16.59 14.42 6.36
CA LEU A 123 -15.75 13.94 5.28
C LEU A 123 -15.64 14.92 4.14
N LEU A 124 -16.79 15.41 3.68
CA LEU A 124 -16.86 16.36 2.57
C LEU A 124 -15.94 17.55 2.75
N SER A 125 -16.15 18.31 3.81
CA SER A 125 -15.35 19.50 4.08
C SER A 125 -13.90 19.12 4.44
N GLN A 126 -13.76 17.92 4.98
CA GLN A 126 -12.47 17.38 5.37
C GLN A 126 -11.66 16.99 4.12
N SER A 127 -12.32 16.96 2.95
CA SER A 127 -11.65 16.57 1.71
C SER A 127 -11.64 17.60 0.62
N VAL A 128 -12.52 18.58 0.72
CA VAL A 128 -12.55 19.63 -0.28
C VAL A 128 -11.14 20.21 -0.37
N ASN A 129 -10.49 20.38 0.78
CA ASN A 129 -9.13 20.88 0.75
C ASN A 129 -8.21 19.66 0.72
N ASN A 130 -8.47 18.77 -0.25
CA ASN A 130 -7.68 17.56 -0.37
C ASN A 130 -7.70 16.98 -1.78
N GLY A 131 -8.14 17.81 -2.73
CA GLY A 131 -8.21 17.39 -4.12
C GLY A 131 -9.64 17.19 -4.63
N PHE A 132 -9.82 17.32 -5.94
CA PHE A 132 -11.14 17.15 -6.56
C PHE A 132 -11.52 15.69 -6.61
N GLU A 133 -10.63 14.88 -7.17
CA GLU A 133 -10.89 13.46 -7.27
C GLU A 133 -11.26 12.85 -5.93
N ALA A 134 -10.85 13.51 -4.85
CA ALA A 134 -11.19 12.99 -3.53
C ALA A 134 -12.64 13.30 -3.27
N VAL A 135 -12.97 14.59 -3.22
CA VAL A 135 -14.35 15.01 -2.97
C VAL A 135 -15.30 14.27 -3.90
N TYR A 136 -14.80 13.83 -5.05
CA TYR A 136 -15.64 13.10 -5.98
C TYR A 136 -15.86 11.65 -5.56
N GLU A 137 -14.82 10.95 -5.15
CA GLU A 137 -15.12 9.58 -4.81
C GLU A 137 -16.08 9.48 -3.63
N LEU A 138 -16.24 10.58 -2.91
CA LEU A 138 -17.18 10.60 -1.78
C LEU A 138 -18.52 10.37 -2.40
N THR A 139 -18.52 10.29 -3.72
CA THR A 139 -19.74 10.06 -4.44
C THR A 139 -20.18 8.64 -4.14
N LYS A 140 -19.20 7.76 -4.01
CA LYS A 140 -19.45 6.36 -3.72
C LYS A 140 -20.22 6.15 -2.39
N MET A 141 -20.22 7.18 -1.56
CA MET A 141 -20.90 7.13 -0.27
C MET A 141 -22.37 7.37 -0.38
N CYS A 142 -22.78 8.11 -1.39
CA CYS A 142 -24.19 8.41 -1.53
C CYS A 142 -25.02 7.25 -2.00
N THR A 143 -24.37 6.13 -2.31
CA THR A 143 -25.09 4.93 -2.77
C THR A 143 -24.83 3.72 -1.90
N ILE A 144 -25.88 3.14 -1.35
CA ILE A 144 -25.77 1.96 -0.49
C ILE A 144 -26.35 0.76 -1.25
N ARG A 145 -25.81 -0.44 -1.06
CA ARG A 145 -26.36 -1.59 -1.75
C ARG A 145 -26.62 -2.75 -0.80
N MET A 146 -27.89 -3.13 -0.62
CA MET A 146 -28.19 -4.24 0.28
C MET A 146 -28.90 -5.37 -0.44
N SER A 147 -28.52 -6.62 -0.12
CA SER A 147 -29.10 -7.82 -0.72
C SER A 147 -29.99 -8.57 0.28
N PHE A 148 -30.79 -9.52 -0.19
CA PHE A 148 -31.67 -10.25 0.71
C PHE A 148 -31.32 -11.74 0.85
N VAL A 149 -31.31 -12.22 2.09
CA VAL A 149 -31.02 -13.62 2.40
C VAL A 149 -29.55 -14.01 2.24
N LYS A 150 -29.12 -14.17 1.00
CA LYS A 150 -27.74 -14.59 0.72
C LYS A 150 -26.74 -13.45 0.91
N GLY A 151 -25.64 -13.75 1.57
CA GLY A 151 -24.61 -12.75 1.79
C GLY A 151 -23.64 -12.68 0.64
N TRP A 152 -22.62 -11.84 0.76
CA TRP A 152 -21.60 -11.69 -0.28
C TRP A 152 -20.37 -10.97 0.29
N GLY A 153 -19.39 -10.71 -0.56
CA GLY A 153 -18.18 -10.06 -0.09
C GLY A 153 -17.42 -11.04 0.80
N ALA A 154 -16.45 -10.56 1.55
CA ALA A 154 -15.65 -11.40 2.44
C ALA A 154 -16.49 -12.44 3.20
N GLU A 155 -15.80 -13.45 3.74
CA GLU A 155 -16.41 -14.55 4.51
C GLU A 155 -17.69 -15.14 3.92
N TYR A 156 -17.71 -15.24 2.59
CA TYR A 156 -18.84 -15.80 1.85
C TYR A 156 -18.36 -16.43 0.54
N HIS A 157 -19.11 -17.42 0.04
CA HIS A 157 -18.75 -18.03 -1.22
C HIS A 157 -18.91 -16.91 -2.24
N ARG A 158 -20.12 -16.33 -2.28
CA ARG A 158 -20.44 -15.20 -3.16
C ARG A 158 -19.53 -14.04 -2.75
N GLN A 159 -18.87 -13.34 -3.67
CA GLN A 159 -18.01 -12.23 -3.25
C GLN A 159 -18.25 -10.85 -3.85
N ASP A 160 -19.33 -10.75 -4.59
CA ASP A 160 -19.79 -9.49 -5.16
C ASP A 160 -21.30 -9.55 -5.22
N VAL A 161 -21.94 -8.44 -4.89
CA VAL A 161 -23.39 -8.38 -4.85
C VAL A 161 -24.06 -9.01 -6.05
N THR A 162 -23.43 -8.91 -7.21
CA THR A 162 -24.01 -9.49 -8.40
C THR A 162 -24.23 -10.99 -8.20
N SER A 163 -23.52 -11.57 -7.24
CA SER A 163 -23.61 -13.01 -6.93
C SER A 163 -24.90 -13.40 -6.21
N THR A 164 -25.64 -12.42 -5.72
CA THR A 164 -26.88 -12.72 -5.01
C THR A 164 -28.11 -12.65 -5.90
N PRO A 165 -29.07 -13.55 -5.64
CA PRO A 165 -30.33 -13.66 -6.37
C PRO A 165 -31.17 -12.40 -6.40
N CYS A 166 -31.11 -11.62 -5.33
CA CYS A 166 -31.88 -10.39 -5.26
C CYS A 166 -31.17 -9.42 -4.35
N TRP A 167 -31.29 -8.14 -4.68
CA TRP A 167 -30.69 -7.07 -3.91
C TRP A 167 -31.15 -5.71 -4.40
N ILE A 168 -30.77 -4.68 -3.68
CA ILE A 168 -31.17 -3.36 -4.06
C ILE A 168 -30.00 -2.41 -4.11
N GLU A 169 -30.31 -1.21 -4.57
CA GLU A 169 -29.35 -0.16 -4.65
C GLU A 169 -30.12 1.07 -4.14
N ILE A 170 -29.56 1.73 -3.14
CA ILE A 170 -30.22 2.88 -2.61
C ILE A 170 -29.37 4.11 -2.83
N HIS A 171 -29.94 5.07 -3.54
CA HIS A 171 -29.26 6.31 -3.86
C HIS A 171 -29.73 7.42 -2.95
N LEU A 172 -28.79 7.94 -2.19
CA LEU A 172 -29.10 9.02 -1.29
C LEU A 172 -28.86 10.34 -2.00
N HIS A 173 -29.96 10.99 -2.40
CA HIS A 173 -29.92 12.27 -3.10
C HIS A 173 -29.42 13.41 -2.23
N GLY A 174 -29.90 13.48 -0.99
CA GLY A 174 -29.41 14.53 -0.14
C GLY A 174 -27.90 14.65 -0.31
N PRO A 175 -27.13 13.68 0.20
CA PRO A 175 -25.66 13.67 0.12
C PRO A 175 -25.14 13.87 -1.27
N LEU A 176 -25.91 13.49 -2.28
CA LEU A 176 -25.45 13.63 -3.65
C LEU A 176 -25.51 15.08 -4.09
N GLN A 177 -26.59 15.74 -3.68
CA GLN A 177 -26.86 17.14 -4.01
C GLN A 177 -25.71 18.04 -3.62
N TRP A 178 -25.37 17.99 -2.33
CA TRP A 178 -24.32 18.82 -1.78
C TRP A 178 -23.04 18.60 -2.54
N LEU A 179 -22.63 17.33 -2.58
CA LEU A 179 -21.44 16.89 -3.26
C LEU A 179 -21.29 17.65 -4.60
N ASP A 180 -22.36 17.71 -5.39
CA ASP A 180 -22.28 18.40 -6.67
C ASP A 180 -21.91 19.83 -6.39
N LYS A 181 -22.81 20.50 -5.65
CA LYS A 181 -22.66 21.89 -5.27
C LYS A 181 -21.25 22.17 -4.78
N VAL A 182 -20.60 21.17 -4.18
CA VAL A 182 -19.23 21.37 -3.72
C VAL A 182 -18.27 21.28 -4.90
N LEU A 183 -18.44 20.27 -5.73
CA LEU A 183 -17.58 20.13 -6.89
C LEU A 183 -17.76 21.36 -7.75
N THR A 184 -19.00 21.78 -7.95
CA THR A 184 -19.23 22.94 -8.80
C THR A 184 -18.41 24.11 -8.30
N GLN A 185 -18.58 24.48 -7.05
CA GLN A 185 -17.83 25.62 -6.52
C GLN A 185 -16.33 25.43 -6.42
N MET A 186 -15.86 24.22 -6.75
CA MET A 186 -14.44 23.93 -6.73
C MET A 186 -13.86 24.32 -8.09
N GLY A 187 -14.63 25.14 -8.82
CA GLY A 187 -14.25 25.60 -10.14
C GLY A 187 -15.30 26.52 -10.75
N SER A 188 -14.85 27.43 -11.62
CA SER A 188 -15.75 28.36 -12.28
C SER A 188 -15.05 29.24 -13.32
N ALA B 1 0.58 -26.57 15.42
CA ALA B 1 -0.75 -26.45 14.74
C ALA B 1 -1.06 -25.00 14.38
N PHE B 2 -1.21 -24.16 15.39
CA PHE B 2 -1.47 -22.76 15.16
C PHE B 2 -0.10 -22.18 14.81
N TRP B 3 0.21 -22.08 13.52
CA TRP B 3 1.52 -21.61 13.08
C TRP B 3 2.15 -20.47 13.87
N ALA B 4 1.32 -19.57 14.37
CA ALA B 4 1.79 -18.44 15.16
C ALA B 4 0.70 -17.99 16.13
N SER B 5 0.95 -16.86 16.79
CA SER B 5 0.00 -16.28 17.72
C SER B 5 0.49 -14.87 17.94
N ILE B 6 -0.37 -13.91 17.66
CA ILE B 6 -0.01 -12.51 17.79
C ILE B 6 -0.57 -11.85 19.03
N ALA B 7 0.32 -11.19 19.77
CA ALA B 7 -0.04 -10.47 20.98
C ALA B 7 0.15 -8.97 20.71
N TYR B 8 -0.86 -8.17 21.08
CA TYR B 8 -0.84 -6.73 20.82
C TYR B 8 -0.47 -5.85 22.01
N TYR B 9 0.45 -4.92 21.80
CA TYR B 9 0.89 -4.03 22.87
C TYR B 9 0.68 -2.57 22.51
N GLU B 10 0.46 -1.71 23.50
CA GLU B 10 0.27 -0.27 23.29
C GLU B 10 1.34 0.34 24.22
N LEU B 11 2.28 1.05 23.66
CA LEU B 11 3.35 1.62 24.46
C LEU B 11 3.87 0.33 25.11
N ASN B 12 3.98 0.31 26.43
CA ASN B 12 4.41 -0.90 27.14
C ASN B 12 3.28 -1.62 27.83
N CYS B 13 2.03 -1.55 27.35
CA CYS B 13 1.09 -2.24 28.17
C CYS B 13 0.23 -3.10 27.32
N ARG B 14 0.35 -4.42 27.45
CA ARG B 14 -0.40 -5.38 26.64
C ARG B 14 -1.92 -5.16 26.61
N VAL B 15 -2.45 -4.99 25.39
CA VAL B 15 -3.89 -4.79 25.14
C VAL B 15 -4.52 -6.03 24.50
N GLY B 16 -5.79 -6.25 24.80
CA GLY B 16 -6.51 -7.39 24.22
C GLY B 16 -5.86 -8.75 24.33
N GLU B 17 -6.68 -9.79 24.25
CA GLU B 17 -6.17 -11.14 24.34
C GLU B 17 -5.24 -11.49 23.18
N VAL B 18 -4.52 -12.59 23.33
CA VAL B 18 -3.60 -13.05 22.32
C VAL B 18 -4.43 -13.69 21.19
N PHE B 19 -4.10 -13.35 19.93
CA PHE B 19 -4.79 -13.89 18.75
C PHE B 19 -3.96 -15.05 18.21
N HIS B 20 -4.59 -16.22 18.02
CA HIS B 20 -3.88 -17.39 17.50
C HIS B 20 -4.39 -17.60 16.08
N CYS B 21 -3.49 -17.89 15.16
CA CYS B 21 -3.91 -18.07 13.79
C CYS B 21 -3.91 -19.53 13.35
N ASN B 22 -5.06 -20.03 12.89
CA ASN B 22 -5.10 -21.40 12.43
C ASN B 22 -4.86 -21.31 10.93
N ASN B 23 -5.24 -20.18 10.35
CA ASN B 23 -5.08 -19.98 8.91
C ASN B 23 -3.72 -19.45 8.52
N ASN B 24 -3.25 -19.82 7.33
CA ASN B 24 -1.94 -19.42 6.82
C ASN B 24 -1.85 -18.00 6.35
N SER B 25 -2.98 -17.35 6.22
CA SER B 25 -2.99 -15.97 5.76
C SER B 25 -3.82 -15.10 6.66
N VAL B 26 -3.21 -14.37 7.57
CA VAL B 26 -4.03 -13.55 8.45
C VAL B 26 -3.78 -12.05 8.29
N ILE B 27 -4.79 -11.27 8.60
CA ILE B 27 -4.70 -9.83 8.53
C ILE B 27 -4.90 -9.25 9.92
N VAL B 28 -4.02 -8.32 10.30
CA VAL B 28 -4.11 -7.65 11.60
C VAL B 28 -4.38 -6.20 11.16
N ASP B 29 -5.58 -5.70 11.44
CA ASP B 29 -5.97 -4.35 11.02
C ASP B 29 -6.40 -3.42 12.13
N GLY B 30 -6.62 -2.16 11.77
CA GLY B 30 -7.05 -1.18 12.75
C GLY B 30 -8.55 -1.07 12.90
N PHE B 31 -9.29 -1.81 12.06
CA PHE B 31 -10.75 -1.77 12.06
C PHE B 31 -11.46 -2.46 13.23
N THR B 32 -12.75 -2.70 13.08
CA THR B 32 -13.56 -3.26 14.17
C THR B 32 -14.45 -4.45 13.82
N ASN B 33 -14.02 -5.35 12.95
CA ASN B 33 -14.80 -6.52 12.55
C ASN B 33 -15.66 -7.12 13.67
N PRO B 34 -16.94 -7.38 13.41
CA PRO B 34 -17.69 -7.97 14.53
C PRO B 34 -17.10 -9.33 14.89
N ASN B 37 -14.36 -13.86 12.56
CA ASN B 37 -13.66 -14.89 11.82
C ASN B 37 -12.22 -15.07 12.24
N SER B 38 -11.87 -16.30 12.61
CA SER B 38 -10.52 -16.62 13.03
C SER B 38 -9.48 -16.59 11.88
N ASP B 39 -9.57 -15.54 11.08
CA ASP B 39 -8.65 -15.32 9.97
C ASP B 39 -8.19 -13.87 10.09
N ARG B 40 -9.07 -13.05 10.67
CA ARG B 40 -8.80 -11.61 10.89
C ARG B 40 -8.68 -11.27 12.37
N CYS B 41 -7.76 -10.40 12.69
CA CYS B 41 -7.53 -9.99 14.06
C CYS B 41 -7.56 -8.45 14.08
N CYS B 42 -8.58 -7.88 14.72
CA CYS B 42 -8.71 -6.41 14.75
C CYS B 42 -8.26 -5.74 16.03
N LEU B 43 -7.74 -4.54 15.91
CA LEU B 43 -7.26 -3.80 17.06
C LEU B 43 -8.23 -2.74 17.56
N GLY B 44 -9.00 -2.16 16.64
CA GLY B 44 -9.97 -1.14 17.01
C GLY B 44 -11.12 -1.62 17.90
N GLN B 45 -11.54 -2.87 17.70
CA GLN B 45 -12.63 -3.46 18.47
C GLN B 45 -12.31 -3.50 19.96
N LEU B 46 -11.01 -3.58 20.25
CA LEU B 46 -10.51 -3.68 21.62
C LEU B 46 -10.74 -2.47 22.53
N SER B 47 -10.49 -2.69 23.82
CA SER B 47 -10.66 -1.66 24.84
C SER B 47 -9.45 -1.51 25.77
N ASN B 48 -9.19 -0.26 26.16
CA ASN B 48 -8.10 0.07 27.07
C ASN B 48 -8.48 1.38 27.76
N VAL B 49 -7.54 1.94 28.51
CA VAL B 49 -7.78 3.18 29.25
C VAL B 49 -6.62 4.18 29.17
N ASN B 50 -5.40 3.67 28.96
CA ASN B 50 -4.21 4.52 28.87
C ASN B 50 -4.23 5.33 27.57
N ARG B 51 -5.11 4.94 26.67
CA ARG B 51 -5.25 5.58 25.36
C ARG B 51 -5.34 7.09 25.44
N ASN B 52 -4.26 7.75 25.03
CA ASN B 52 -4.17 9.19 25.02
C ASN B 52 -4.44 9.73 23.62
N SER B 53 -3.73 10.79 23.26
CA SER B 53 -3.89 11.38 21.93
C SER B 53 -2.88 10.76 20.98
N THR B 54 -1.62 10.74 21.42
CA THR B 54 -0.54 10.17 20.62
C THR B 54 -0.73 8.69 20.30
N ILE B 55 -1.60 8.02 21.06
CA ILE B 55 -1.90 6.60 20.82
C ILE B 55 -3.14 6.52 19.95
N GLU B 56 -4.19 7.20 20.37
CA GLU B 56 -5.44 7.22 19.64
C GLU B 56 -5.09 7.70 18.24
N ASN B 57 -4.34 8.79 18.16
CA ASN B 57 -3.93 9.36 16.89
C ASN B 57 -3.27 8.33 15.98
N THR B 58 -2.40 7.51 16.55
CA THR B 58 -1.73 6.47 15.75
C THR B 58 -2.66 5.31 15.40
N ARG B 59 -3.47 4.84 16.35
CA ARG B 59 -4.38 3.75 16.05
C ARG B 59 -5.26 4.03 14.82
N ARG B 60 -5.21 5.26 14.31
CA ARG B 60 -6.02 5.62 13.14
C ARG B 60 -5.28 5.51 11.82
N HIS B 61 -3.95 5.46 11.90
CA HIS B 61 -3.12 5.34 10.71
C HIS B 61 -2.68 3.91 10.46
N ILE B 62 -3.17 3.01 11.31
CA ILE B 62 -2.88 1.60 11.15
C ILE B 62 -3.65 1.20 9.90
N GLY B 63 -4.88 1.67 9.82
CA GLY B 63 -5.74 1.39 8.68
C GLY B 63 -5.86 -0.08 8.31
N LYS B 64 -5.57 -0.38 7.04
CA LYS B 64 -5.62 -1.72 6.47
C LYS B 64 -4.68 -2.65 7.24
N GLY B 65 -3.81 -2.02 8.04
CA GLY B 65 -2.86 -2.74 8.87
C GLY B 65 -1.78 -3.52 8.14
N VAL B 66 -1.53 -4.73 8.61
CA VAL B 66 -0.51 -5.58 8.01
C VAL B 66 -1.09 -6.93 7.68
N HIS B 67 -0.62 -7.50 6.59
CA HIS B 67 -1.06 -8.81 6.16
C HIS B 67 0.09 -9.79 6.34
N LEU B 68 -0.10 -10.83 7.14
CA LEU B 68 0.96 -11.82 7.34
C LEU B 68 0.66 -13.03 6.49
N TYR B 69 1.68 -13.74 6.04
CA TYR B 69 1.44 -14.93 5.24
C TYR B 69 2.46 -15.93 5.67
N TYR B 70 1.99 -17.16 5.90
CA TYR B 70 2.87 -18.25 6.29
C TYR B 70 2.86 -19.28 5.17
N VAL B 71 3.99 -19.44 4.50
CA VAL B 71 4.02 -20.39 3.39
C VAL B 71 5.15 -21.44 3.46
N THR B 72 4.74 -22.71 3.43
CA THR B 72 5.65 -23.86 3.49
C THR B 72 6.60 -23.77 4.68
N GLY B 73 6.33 -22.85 5.61
CA GLY B 73 7.19 -22.70 6.77
C GLY B 73 8.04 -21.45 6.76
N GLU B 74 7.59 -20.45 6.03
CA GLU B 74 8.34 -19.20 5.95
C GLU B 74 7.32 -18.14 6.16
N VAL B 75 7.72 -16.98 6.67
CA VAL B 75 6.71 -15.93 6.84
C VAL B 75 7.03 -14.62 6.11
N TYR B 76 5.96 -14.03 5.56
CA TYR B 76 5.98 -12.79 4.80
C TYR B 76 5.05 -11.77 5.43
N ALA B 77 5.40 -10.50 5.30
CA ALA B 77 4.56 -9.44 5.83
C ALA B 77 4.39 -8.39 4.75
N GLU B 78 3.14 -8.06 4.44
CA GLU B 78 2.79 -7.06 3.41
C GLU B 78 2.08 -5.87 4.05
N CYS B 79 2.66 -4.67 3.90
CA CYS B 79 2.09 -3.47 4.48
C CYS B 79 0.84 -2.99 3.78
N LEU B 80 -0.31 -3.47 4.22
CA LEU B 80 -1.56 -3.04 3.63
C LEU B 80 -1.91 -1.59 3.99
N SER B 81 -1.56 -1.18 5.21
CA SER B 81 -1.86 0.19 5.66
C SER B 81 -1.25 1.26 4.76
N ASP B 82 -1.90 2.43 4.71
CA ASP B 82 -1.41 3.55 3.92
C ASP B 82 -0.18 4.12 4.61
N SER B 83 -0.09 3.86 5.93
CA SER B 83 1.01 4.31 6.77
C SER B 83 1.96 3.13 7.00
N ALA B 84 3.26 3.37 6.80
CA ALA B 84 4.30 2.33 6.95
C ALA B 84 4.20 1.36 8.16
N ILE B 85 5.06 0.35 8.14
CA ILE B 85 5.14 -0.68 9.17
C ILE B 85 6.60 -0.92 9.50
N PHE B 86 6.91 -1.15 10.77
CA PHE B 86 8.29 -1.39 11.19
C PHE B 86 8.52 -2.73 11.85
N VAL B 87 9.36 -3.55 11.22
CA VAL B 87 9.66 -4.89 11.70
C VAL B 87 11.06 -5.17 12.20
N GLN B 88 11.14 -5.87 13.31
CA GLN B 88 12.42 -6.27 13.86
C GLN B 88 12.41 -7.79 13.89
N SER B 89 13.17 -8.43 12.99
CA SER B 89 13.21 -9.88 13.00
C SER B 89 14.66 -10.33 13.07
N ARG B 90 15.02 -10.96 14.17
CA ARG B 90 16.38 -11.42 14.38
C ARG B 90 16.79 -12.41 13.28
N ASN B 91 15.80 -13.01 12.61
CA ASN B 91 16.11 -13.95 11.55
C ASN B 91 16.14 -13.32 10.16
N CYS B 92 15.35 -12.25 9.99
CA CYS B 92 15.33 -11.53 8.74
C CYS B 92 16.57 -10.64 8.71
N ASN B 93 17.16 -10.40 9.86
CA ASN B 93 18.34 -9.56 9.93
C ASN B 93 19.57 -10.45 9.74
N TYR B 94 19.56 -11.60 10.36
CA TYR B 94 20.68 -12.52 10.22
C TYR B 94 20.91 -12.86 8.76
N HIS B 95 19.81 -13.09 8.03
CA HIS B 95 19.87 -13.40 6.60
C HIS B 95 20.58 -12.26 5.87
N HIS B 96 19.91 -11.11 5.78
CA HIS B 96 20.45 -9.93 5.10
C HIS B 96 21.70 -9.36 5.77
N GLY B 97 22.28 -10.09 6.71
CA GLY B 97 23.47 -9.61 7.39
C GLY B 97 23.32 -8.21 7.98
N PHE B 98 22.25 -7.98 8.75
CA PHE B 98 22.07 -6.70 9.40
C PHE B 98 22.45 -6.90 10.83
N HIS B 99 22.25 -5.86 11.62
CA HIS B 99 22.54 -5.96 13.03
C HIS B 99 21.46 -6.87 13.58
N PRO B 100 21.76 -7.66 14.62
CA PRO B 100 20.72 -8.55 15.15
C PRO B 100 19.52 -7.81 15.74
N SER B 101 19.56 -6.48 15.75
CA SER B 101 18.44 -5.71 16.30
C SER B 101 17.91 -4.63 15.35
N THR B 102 18.51 -4.55 14.16
CA THR B 102 18.10 -3.57 13.16
C THR B 102 16.59 -3.62 13.01
N VAL B 103 16.00 -2.47 12.71
CA VAL B 103 14.55 -2.35 12.53
C VAL B 103 14.24 -1.97 11.09
N CYS B 104 13.47 -2.81 10.42
CA CYS B 104 13.12 -2.57 9.03
C CYS B 104 11.76 -1.94 8.84
N LYS B 105 11.71 -0.97 7.93
CA LYS B 105 10.47 -0.28 7.61
C LYS B 105 9.89 -0.86 6.32
N ILE B 106 8.67 -1.36 6.40
CA ILE B 106 8.02 -1.91 5.22
C ILE B 106 7.01 -0.89 4.70
N PRO B 107 7.40 -0.16 3.64
CA PRO B 107 6.55 0.86 3.04
C PRO B 107 5.21 0.30 2.66
N PRO B 108 4.20 1.17 2.63
CA PRO B 108 2.92 0.59 2.25
C PRO B 108 3.02 0.05 0.83
N GLY B 109 2.19 -0.94 0.57
CA GLY B 109 2.17 -1.59 -0.72
C GLY B 109 3.34 -2.55 -0.85
N CYS B 110 4.25 -2.52 0.12
CA CYS B 110 5.43 -3.37 0.10
C CYS B 110 5.34 -4.62 0.92
N SER B 111 6.30 -5.49 0.72
CA SER B 111 6.32 -6.73 1.44
C SER B 111 7.73 -7.04 1.87
N LEU B 112 7.87 -8.11 2.63
CA LEU B 112 9.15 -8.54 3.13
C LEU B 112 9.03 -9.91 3.76
N LYS B 113 9.99 -10.79 3.48
CA LYS B 113 10.01 -12.11 4.09
C LYS B 113 10.67 -11.83 5.41
N ILE B 114 9.90 -11.93 6.49
CA ILE B 114 10.45 -11.67 7.80
C ILE B 114 10.94 -12.95 8.44
N PHE B 115 10.70 -14.10 7.80
CA PHE B 115 11.21 -15.32 8.41
C PHE B 115 11.58 -16.42 7.44
N ASN B 116 12.85 -16.79 7.45
CA ASN B 116 13.33 -17.84 6.57
C ASN B 116 13.66 -19.15 7.29
N ASN B 117 12.77 -20.14 7.19
CA ASN B 117 12.99 -21.38 7.90
C ASN B 117 14.21 -22.20 7.67
N GLN B 118 14.71 -22.31 6.44
CA GLN B 118 15.92 -23.11 6.26
C GLN B 118 17.10 -22.47 6.98
N GLU B 119 17.22 -21.15 6.83
CA GLU B 119 18.30 -20.39 7.48
C GLU B 119 18.33 -20.71 8.96
N PHE B 120 17.14 -20.87 9.51
CA PHE B 120 17.00 -21.18 10.91
C PHE B 120 17.48 -22.59 11.09
N ALA B 121 16.82 -23.54 10.42
CA ALA B 121 17.22 -24.94 10.52
C ALA B 121 18.74 -25.00 10.47
N GLN B 122 19.36 -24.08 9.73
CA GLN B 122 20.80 -24.08 9.68
C GLN B 122 21.33 -23.66 11.05
N LEU B 123 21.18 -22.39 11.40
CA LEU B 123 21.64 -21.90 12.70
C LEU B 123 21.52 -22.95 13.76
N LEU B 124 20.33 -23.53 13.85
CA LEU B 124 20.07 -24.56 14.82
C LEU B 124 21.14 -25.66 14.77
N SER B 125 21.23 -26.39 13.66
CA SER B 125 22.21 -27.46 13.51
C SER B 125 23.65 -26.97 13.65
N GLN B 126 23.88 -25.80 13.08
CA GLN B 126 25.19 -25.16 13.07
C GLN B 126 25.56 -24.73 14.50
N SER B 127 24.57 -24.74 15.38
CA SER B 127 24.79 -24.32 16.75
C SER B 127 24.74 -25.43 17.78
N VAL B 128 23.87 -26.42 17.59
CA VAL B 128 23.76 -27.52 18.58
C VAL B 128 25.11 -27.99 19.10
N ASN B 129 26.11 -27.96 18.23
CA ASN B 129 27.45 -28.36 18.60
C ASN B 129 28.21 -27.07 18.86
N ASN B 130 27.73 -26.28 19.82
CA ASN B 130 28.36 -25.00 20.09
C ASN B 130 27.96 -24.54 21.48
N GLY B 131 27.33 -25.44 22.24
CA GLY B 131 26.88 -25.11 23.58
C GLY B 131 25.37 -25.09 23.70
N PHE B 132 24.87 -25.25 24.92
CA PHE B 132 23.42 -25.24 25.17
C PHE B 132 22.94 -23.79 25.25
N GLU B 133 23.71 -22.91 25.88
CA GLU B 133 23.25 -21.52 25.94
C GLU B 133 23.13 -20.92 24.55
N ALA B 134 23.80 -21.54 23.57
CA ALA B 134 23.74 -21.03 22.21
C ALA B 134 22.47 -21.45 21.47
N VAL B 135 22.17 -22.73 21.52
CA VAL B 135 20.98 -23.23 20.86
C VAL B 135 19.79 -22.60 21.56
N TYR B 136 19.99 -22.17 22.79
CA TYR B 136 18.90 -21.51 23.52
C TYR B 136 18.64 -20.12 23.02
N GLU B 137 19.66 -19.36 22.67
CA GLU B 137 19.36 -18.00 22.23
C GLU B 137 18.75 -17.85 20.85
N LEU B 138 18.62 -18.98 20.16
CA LEU B 138 17.98 -19.02 18.86
C LEU B 138 16.50 -18.89 19.17
N THR B 139 16.20 -18.95 20.45
CA THR B 139 14.84 -18.83 20.92
C THR B 139 14.44 -17.39 20.64
N LYS B 140 15.41 -16.49 20.75
CA LYS B 140 15.13 -15.10 20.48
C LYS B 140 14.65 -14.92 19.06
N MET B 141 15.03 -15.83 18.16
CA MET B 141 14.62 -15.75 16.73
C MET B 141 13.21 -16.23 16.44
N CYS B 142 12.65 -17.03 17.35
CA CYS B 142 11.31 -17.58 17.18
C CYS B 142 10.23 -16.59 17.41
N THR B 143 10.60 -15.41 17.87
CA THR B 143 9.61 -14.35 18.09
C THR B 143 10.01 -13.06 17.40
N ILE B 144 9.07 -12.52 16.63
CA ILE B 144 9.25 -11.29 15.86
C ILE B 144 8.22 -10.29 16.36
N ARG B 145 8.63 -9.03 16.43
CA ARG B 145 7.73 -7.99 16.89
C ARG B 145 7.83 -6.87 15.89
N MET B 146 6.72 -6.18 15.66
CA MET B 146 6.67 -5.09 14.70
C MET B 146 5.68 -4.01 15.14
N SER B 147 5.98 -2.74 14.85
CA SER B 147 5.11 -1.61 15.23
C SER B 147 4.52 -0.84 14.06
N PHE B 148 3.31 -0.29 14.25
CA PHE B 148 2.59 0.46 13.20
C PHE B 148 2.93 1.96 13.16
N VAL B 149 2.84 2.51 11.96
CA VAL B 149 3.08 3.92 11.66
C VAL B 149 4.45 4.48 12.08
N LYS B 150 4.63 4.63 13.38
CA LYS B 150 5.87 5.17 13.92
C LYS B 150 6.83 4.01 14.14
N GLY B 151 8.11 4.21 13.83
CA GLY B 151 9.08 3.15 14.02
C GLY B 151 9.98 3.41 15.21
N TRP B 152 10.88 2.47 15.50
CA TRP B 152 11.79 2.62 16.64
C TRP B 152 13.21 2.13 16.30
N GLY B 153 14.05 1.96 17.33
CA GLY B 153 15.41 1.51 17.11
C GLY B 153 16.35 2.68 16.81
N ALA B 154 17.51 2.39 16.25
CA ALA B 154 18.46 3.44 15.91
C ALA B 154 17.81 4.42 14.92
N GLU B 155 18.59 5.41 14.47
CA GLU B 155 18.15 6.41 13.51
C GLU B 155 16.73 6.95 13.78
N TYR B 156 16.41 7.13 15.07
CA TYR B 156 15.10 7.63 15.49
C TYR B 156 15.17 8.20 16.90
N HIS B 157 14.05 8.75 17.35
CA HIS B 157 13.96 9.32 18.69
C HIS B 157 13.71 8.18 19.67
N ARG B 158 12.67 7.38 19.39
CA ARG B 158 12.28 6.23 20.22
C ARG B 158 13.34 5.15 20.03
N GLN B 159 13.82 4.57 21.13
CA GLN B 159 14.87 3.55 21.02
C GLN B 159 14.46 2.11 21.36
N ASP B 160 13.21 1.92 21.78
CA ASP B 160 12.72 0.58 22.08
C ASP B 160 11.25 0.51 21.71
N VAL B 161 10.82 -0.65 21.22
CA VAL B 161 9.44 -0.86 20.80
C VAL B 161 8.39 -0.35 21.78
N THR B 162 8.70 -0.39 23.07
CA THR B 162 7.76 0.09 24.07
C THR B 162 7.47 1.56 23.77
N SER B 163 8.43 2.20 23.10
CA SER B 163 8.36 3.61 22.74
C SER B 163 7.27 3.89 21.72
N THR B 164 6.72 2.83 21.15
CA THR B 164 5.68 2.98 20.15
C THR B 164 4.29 2.85 20.74
N PRO B 165 3.36 3.66 20.23
CA PRO B 165 1.98 3.65 20.70
C PRO B 165 1.34 2.29 20.46
N CYS B 166 1.53 1.74 19.25
CA CYS B 166 0.93 0.44 18.91
C CYS B 166 1.95 -0.51 18.27
N TRP B 167 1.88 -1.78 18.63
CA TRP B 167 2.78 -2.79 18.05
C TRP B 167 2.34 -4.23 18.37
N ILE B 168 2.95 -5.19 17.67
CA ILE B 168 2.64 -6.59 17.88
C ILE B 168 3.88 -7.46 18.09
N GLU B 169 3.64 -8.58 18.72
CA GLU B 169 4.70 -9.53 18.96
C GLU B 169 4.17 -10.83 18.36
N ILE B 170 4.96 -11.42 17.48
CA ILE B 170 4.56 -12.65 16.84
C ILE B 170 5.43 -13.82 17.31
N HIS B 171 4.78 -14.88 17.78
CA HIS B 171 5.48 -16.07 18.23
C HIS B 171 5.34 -17.21 17.23
N LEU B 172 6.43 -17.54 16.54
CA LEU B 172 6.43 -18.62 15.55
C LEU B 172 6.66 -20.00 16.19
N HIS B 173 5.59 -20.70 16.52
CA HIS B 173 5.67 -22.01 17.17
C HIS B 173 6.42 -23.07 16.42
N GLY B 174 6.38 -23.00 15.10
CA GLY B 174 7.08 -23.99 14.30
C GLY B 174 8.49 -24.04 14.83
N PRO B 175 9.25 -22.98 14.62
CA PRO B 175 10.64 -22.86 15.07
C PRO B 175 10.88 -23.16 16.56
N LEU B 176 9.93 -22.77 17.43
CA LEU B 176 10.08 -22.98 18.86
C LEU B 176 10.00 -24.41 19.25
N GLN B 177 9.01 -25.14 18.76
CA GLN B 177 8.92 -26.55 19.09
C GLN B 177 10.24 -27.21 18.68
N TRP B 178 10.66 -27.00 17.44
CA TRP B 178 11.90 -27.58 16.90
C TRP B 178 13.03 -27.25 17.87
N LEU B 179 13.01 -26.05 18.42
CA LEU B 179 14.04 -25.61 19.36
C LEU B 179 13.97 -26.43 20.66
N ASP B 180 12.76 -26.56 21.21
CA ASP B 180 12.63 -27.31 22.43
C ASP B 180 13.24 -28.68 22.19
N LYS B 181 12.58 -29.51 21.38
CA LYS B 181 13.06 -30.86 21.08
C LYS B 181 14.58 -31.01 21.03
N VAL B 182 15.27 -30.03 20.45
CA VAL B 182 16.72 -30.08 20.38
C VAL B 182 17.31 -30.02 21.78
N LEU B 183 16.98 -28.97 22.54
CA LEU B 183 17.48 -28.81 23.92
C LEU B 183 17.24 -30.05 24.77
N THR B 184 16.04 -30.62 24.71
CA THR B 184 15.70 -31.80 25.50
C THR B 184 16.62 -32.96 25.14
N GLN B 185 16.69 -33.31 23.86
CA GLN B 185 17.58 -34.39 23.43
C GLN B 185 18.97 -34.08 23.98
N MET B 186 19.20 -32.81 24.27
CA MET B 186 20.48 -32.29 24.74
C MET B 186 20.80 -32.41 26.23
N GLY B 187 20.27 -33.44 26.90
CA GLY B 187 20.55 -33.59 28.32
C GLY B 187 19.84 -34.76 28.97
N SER B 188 20.20 -35.09 30.21
CA SER B 188 19.55 -36.19 30.94
C SER B 188 20.01 -36.32 32.38
N ALA C 1 33.47 23.01 -18.01
CA ALA C 1 34.48 22.07 -18.54
C ALA C 1 34.27 20.61 -18.09
N PHE C 2 33.21 20.38 -17.33
CA PHE C 2 32.88 19.03 -16.87
C PHE C 2 31.46 18.76 -17.38
N TRP C 3 31.34 17.96 -18.44
CA TRP C 3 30.02 17.72 -18.98
C TRP C 3 29.04 17.18 -17.96
N ALA C 4 29.52 16.36 -17.03
CA ALA C 4 28.65 15.79 -16.02
C ALA C 4 29.16 15.93 -14.60
N SER C 5 28.73 14.99 -13.77
CA SER C 5 29.12 14.95 -12.37
C SER C 5 28.26 13.89 -11.71
N ILE C 6 28.74 12.65 -11.73
CA ILE C 6 28.00 11.55 -11.15
C ILE C 6 28.26 11.44 -9.65
N ALA C 7 27.20 11.33 -8.88
CA ALA C 7 27.31 11.16 -7.44
C ALA C 7 26.79 9.73 -7.23
N TYR C 8 27.48 8.94 -6.42
CA TYR C 8 27.06 7.56 -6.17
C TYR C 8 26.11 7.52 -4.98
N TYR C 9 25.45 6.39 -4.76
CA TYR C 9 24.50 6.23 -3.65
C TYR C 9 24.32 4.77 -3.21
N GLU C 10 23.89 4.59 -1.95
CA GLU C 10 23.62 3.26 -1.36
C GLU C 10 22.47 3.44 -0.40
N LEU C 11 21.43 2.61 -0.55
CA LEU C 11 20.20 2.84 0.21
C LEU C 11 20.02 4.26 -0.39
N ASN C 12 19.63 5.16 0.52
CA ASN C 12 19.48 6.56 0.18
C ASN C 12 20.73 7.24 0.70
N CYS C 13 21.94 6.58 0.82
CA CYS C 13 23.09 7.32 1.36
C CYS C 13 24.22 7.57 0.35
N ARG C 14 24.62 8.84 0.14
CA ARG C 14 25.68 9.18 -0.82
C ARG C 14 26.98 8.49 -0.43
N VAL C 15 27.70 8.01 -1.43
CA VAL C 15 28.95 7.31 -1.18
C VAL C 15 30.10 7.92 -2.00
N GLY C 16 31.20 8.23 -1.33
CA GLY C 16 32.34 8.81 -2.03
C GLY C 16 32.09 10.26 -2.42
N GLU C 17 33.08 10.86 -3.07
CA GLU C 17 32.98 12.25 -3.51
C GLU C 17 32.40 12.32 -4.91
N VAL C 18 31.65 13.39 -5.18
CA VAL C 18 31.08 13.54 -6.50
C VAL C 18 32.20 13.41 -7.52
N PHE C 19 31.96 12.60 -8.55
CA PHE C 19 32.97 12.41 -9.59
C PHE C 19 32.68 13.40 -10.70
N HIS C 20 33.75 14.02 -11.19
CA HIS C 20 33.62 14.99 -12.26
C HIS C 20 34.36 14.42 -13.46
N CYS C 21 33.68 14.34 -14.60
CA CYS C 21 34.30 13.78 -15.80
C CYS C 21 34.84 14.87 -16.73
N ASN C 22 36.15 15.02 -16.79
CA ASN C 22 36.74 16.00 -17.68
C ASN C 22 36.95 15.28 -19.01
N ASN C 23 36.68 13.99 -18.98
CA ASN C 23 36.81 13.10 -20.12
C ASN C 23 35.43 12.83 -20.71
N ASN C 24 35.38 12.47 -21.98
CA ASN C 24 34.10 12.21 -22.63
C ASN C 24 33.62 10.79 -22.46
N SER C 25 34.54 9.84 -22.50
CA SER C 25 34.20 8.43 -22.32
C SER C 25 34.45 8.16 -20.84
N VAL C 26 33.47 7.61 -20.13
CA VAL C 26 33.68 7.35 -18.71
C VAL C 26 33.05 6.05 -18.21
N ILE C 27 33.88 5.14 -17.70
CA ILE C 27 33.35 3.87 -17.22
C ILE C 27 33.18 3.87 -15.71
N VAL C 28 31.97 3.53 -15.28
CA VAL C 28 31.61 3.44 -13.85
C VAL C 28 31.60 1.95 -13.52
N ASP C 29 32.51 1.54 -12.64
CA ASP C 29 32.65 0.13 -12.27
C ASP C 29 32.47 -0.21 -10.81
N GLY C 30 32.42 -1.51 -10.53
CA GLY C 30 32.28 -2.00 -9.17
C GLY C 30 33.55 -2.70 -8.74
N PHE C 31 34.67 -2.36 -9.39
CA PHE C 31 35.98 -2.93 -9.07
C PHE C 31 36.75 -1.95 -8.19
N THR C 32 38.05 -2.18 -8.04
CA THR C 32 38.88 -1.31 -7.19
C THR C 32 40.09 -0.69 -7.90
N ASN C 33 39.85 0.39 -8.63
CA ASN C 33 40.92 1.10 -9.36
C ASN C 33 41.60 2.12 -8.44
N PRO C 34 42.95 2.14 -8.40
CA PRO C 34 43.69 3.07 -7.55
C PRO C 34 43.32 4.57 -7.64
N SER C 35 43.44 5.14 -8.84
CA SER C 35 43.14 6.55 -9.02
C SER C 35 41.81 6.84 -9.73
N ASN C 36 40.96 7.64 -9.08
CA ASN C 36 39.65 8.01 -9.62
C ASN C 36 39.63 9.43 -10.20
N ASN C 37 40.62 9.77 -11.02
CA ASN C 37 40.68 11.10 -11.63
C ASN C 37 40.88 11.03 -13.14
N SER C 38 41.48 9.94 -13.60
CA SER C 38 41.73 9.76 -15.03
C SER C 38 40.45 9.56 -15.85
N ASP C 39 40.33 8.40 -16.47
CA ASP C 39 39.18 8.07 -17.30
C ASP C 39 38.16 7.21 -16.54
N ARG C 40 38.66 6.28 -15.73
CA ARG C 40 37.81 5.37 -14.95
C ARG C 40 37.14 6.00 -13.74
N CYS C 41 36.43 5.15 -12.99
CA CYS C 41 35.70 5.54 -11.79
C CYS C 41 35.23 4.25 -11.11
N CYS C 42 36.00 3.76 -10.14
CA CYS C 42 35.63 2.53 -9.44
C CYS C 42 34.68 2.76 -8.28
N LEU C 43 34.05 1.67 -7.84
CA LEU C 43 33.10 1.73 -6.73
C LEU C 43 33.46 0.71 -5.65
N GLY C 44 34.52 -0.05 -5.87
CA GLY C 44 34.93 -1.06 -4.91
C GLY C 44 35.83 -0.58 -3.78
N GLN C 45 36.33 0.65 -3.88
CA GLN C 45 37.22 1.19 -2.84
C GLN C 45 36.55 2.22 -1.93
N LEU C 46 35.46 2.84 -2.38
CA LEU C 46 34.76 3.82 -1.58
C LEU C 46 34.14 3.14 -0.35
N SER C 47 34.43 3.66 0.82
CA SER C 47 33.94 3.08 2.07
C SER C 47 32.52 3.49 2.48
N ASN C 48 31.92 2.68 3.37
CA ASN C 48 30.58 2.90 3.91
C ASN C 48 30.48 2.18 5.26
N VAL C 49 29.32 2.23 5.91
CA VAL C 49 29.13 1.58 7.20
C VAL C 49 27.73 0.98 7.34
N ASN C 50 26.76 1.59 6.66
CA ASN C 50 25.36 1.14 6.67
C ASN C 50 25.15 0.01 5.67
N ARG C 51 26.22 -0.73 5.37
CA ARG C 51 26.14 -1.83 4.42
C ARG C 51 25.71 -3.11 5.14
N ASN C 52 25.85 -4.24 4.48
CA ASN C 52 25.41 -5.51 5.06
C ASN C 52 25.70 -6.69 4.15
N SER C 53 24.65 -7.43 3.80
CA SER C 53 24.74 -8.59 2.92
C SER C 53 23.97 -8.36 1.63
N THR C 54 22.70 -7.95 1.73
CA THR C 54 21.88 -7.72 0.54
C THR C 54 22.51 -6.65 -0.35
N ILE C 55 23.09 -5.62 0.28
CA ILE C 55 23.74 -4.53 -0.46
C ILE C 55 25.11 -5.01 -0.93
N GLU C 56 25.74 -5.86 -0.12
CA GLU C 56 27.05 -6.41 -0.43
C GLU C 56 26.87 -7.53 -1.44
N ASN C 57 25.60 -7.83 -1.76
CA ASN C 57 25.27 -8.87 -2.70
C ASN C 57 25.06 -8.24 -4.08
N THR C 58 24.62 -6.99 -4.07
CA THR C 58 24.40 -6.25 -5.32
C THR C 58 25.69 -5.64 -5.89
N ARG C 59 26.63 -5.29 -5.02
CA ARG C 59 27.89 -4.67 -5.44
C ARG C 59 28.87 -5.63 -6.13
N ARG C 60 28.45 -6.88 -6.28
CA ARG C 60 29.26 -7.89 -6.96
C ARG C 60 28.64 -8.14 -8.32
N HIS C 61 27.47 -7.55 -8.55
CA HIS C 61 26.76 -7.70 -9.81
C HIS C 61 26.92 -6.46 -10.69
N ILE C 62 27.48 -5.40 -10.11
CA ILE C 62 27.74 -4.17 -10.85
C ILE C 62 28.74 -4.57 -11.91
N GLY C 63 29.74 -5.32 -11.49
CA GLY C 63 30.76 -5.78 -12.40
C GLY C 63 31.21 -4.70 -13.34
N LYS C 64 31.26 -5.02 -14.63
CA LYS C 64 31.69 -4.08 -15.64
C LYS C 64 30.97 -2.74 -15.57
N GLY C 65 29.95 -2.68 -14.72
CA GLY C 65 29.20 -1.45 -14.55
C GLY C 65 28.61 -0.87 -15.82
N VAL C 66 28.64 0.46 -15.90
CA VAL C 66 28.09 1.17 -17.03
C VAL C 66 29.12 2.12 -17.63
N HIS C 67 29.11 2.22 -18.95
CA HIS C 67 29.99 3.12 -19.66
C HIS C 67 29.05 4.21 -20.17
N LEU C 68 29.44 5.45 -19.93
CA LEU C 68 28.65 6.60 -20.35
C LEU C 68 29.47 7.34 -21.40
N TYR C 69 28.83 7.79 -22.47
CA TYR C 69 29.55 8.52 -23.50
C TYR C 69 28.89 9.85 -23.74
N TYR C 70 29.70 10.84 -24.06
CA TYR C 70 29.22 12.18 -24.37
C TYR C 70 29.77 12.56 -25.73
N VAL C 71 28.89 12.69 -26.71
CA VAL C 71 29.28 13.04 -28.06
C VAL C 71 28.42 14.17 -28.63
N THR C 72 29.11 15.20 -29.12
CA THR C 72 28.47 16.36 -29.72
C THR C 72 27.39 16.98 -28.83
N GLY C 73 27.35 16.60 -27.57
CA GLY C 73 26.38 17.16 -26.65
C GLY C 73 25.22 16.23 -26.36
N GLU C 74 25.41 14.96 -26.62
CA GLU C 74 24.36 14.00 -26.37
C GLU C 74 24.99 12.91 -25.52
N VAL C 75 24.20 12.27 -24.68
CA VAL C 75 24.81 11.25 -23.85
C VAL C 75 24.32 9.84 -24.15
N TYR C 76 25.25 8.91 -24.01
CA TYR C 76 24.93 7.53 -24.24
C TYR C 76 25.31 6.73 -23.00
N ALA C 77 24.60 5.63 -22.80
CA ALA C 77 24.83 4.74 -21.69
C ALA C 77 24.91 3.32 -22.25
N GLU C 78 25.98 2.62 -21.91
CA GLU C 78 26.15 1.24 -22.37
C GLU C 78 26.35 0.32 -21.18
N CYS C 79 25.59 -0.77 -21.14
CA CYS C 79 25.67 -1.72 -20.03
C CYS C 79 26.79 -2.75 -20.20
N LEU C 80 27.95 -2.43 -19.61
CA LEU C 80 29.11 -3.30 -19.65
C LEU C 80 28.87 -4.52 -18.76
N SER C 81 28.29 -4.26 -17.60
CA SER C 81 27.96 -5.25 -16.57
C SER C 81 27.14 -6.44 -17.06
N ASP C 82 27.44 -7.62 -16.55
CA ASP C 82 26.72 -8.83 -16.94
C ASP C 82 25.31 -8.77 -16.37
N SER C 83 25.10 -7.79 -15.49
CA SER C 83 23.82 -7.58 -14.85
C SER C 83 23.25 -6.26 -15.36
N ALA C 84 22.00 -6.30 -15.80
CA ALA C 84 21.29 -5.12 -16.33
C ALA C 84 21.56 -3.77 -15.65
N ILE C 85 21.03 -2.72 -16.28
CA ILE C 85 21.16 -1.33 -15.82
C ILE C 85 19.76 -0.66 -15.98
N PHE C 86 19.40 0.26 -15.09
CA PHE C 86 18.09 0.94 -15.17
C PHE C 86 18.23 2.45 -15.22
N VAL C 87 17.68 3.07 -16.26
CA VAL C 87 17.78 4.51 -16.38
C VAL C 87 16.45 5.21 -16.44
N GLN C 88 16.41 6.37 -15.79
CA GLN C 88 15.22 7.20 -15.77
C GLN C 88 15.64 8.58 -16.22
N SER C 89 15.38 8.91 -17.48
CA SER C 89 15.74 10.23 -17.96
C SER C 89 14.50 10.92 -18.48
N ARG C 90 14.03 11.93 -17.75
CA ARG C 90 12.84 12.66 -18.16
C ARG C 90 12.96 13.01 -19.63
N ASN C 91 14.20 13.25 -20.08
CA ASN C 91 14.46 13.59 -21.48
C ASN C 91 14.37 12.33 -22.37
N CYS C 92 15.08 11.27 -22.05
CA CYS C 92 14.98 10.08 -22.87
C CYS C 92 13.52 9.69 -22.90
N ASN C 93 12.80 9.93 -21.81
CA ASN C 93 11.41 9.53 -21.84
C ASN C 93 10.61 10.45 -22.78
N TYR C 94 10.74 11.76 -22.59
CA TYR C 94 10.03 12.72 -23.42
C TYR C 94 10.14 12.42 -24.91
N HIS C 95 11.32 11.98 -25.33
CA HIS C 95 11.53 11.66 -26.74
C HIS C 95 10.62 10.53 -27.14
N HIS C 96 10.93 9.35 -26.60
CA HIS C 96 10.18 8.14 -26.87
C HIS C 96 8.71 8.30 -26.46
N GLY C 97 8.38 9.48 -25.95
CA GLY C 97 7.01 9.73 -25.51
C GLY C 97 6.56 8.87 -24.33
N PHE C 98 7.44 8.65 -23.36
CA PHE C 98 7.09 7.84 -22.21
C PHE C 98 6.56 8.76 -21.14
N HIS C 99 6.48 8.23 -19.93
CA HIS C 99 6.01 8.99 -18.79
C HIS C 99 7.26 9.68 -18.30
N PRO C 100 7.11 10.87 -17.73
CA PRO C 100 8.29 11.59 -17.24
C PRO C 100 9.09 10.81 -16.18
N SER C 101 8.50 9.74 -15.65
CA SER C 101 9.17 8.92 -14.65
C SER C 101 9.41 7.47 -15.03
N THR C 102 8.91 7.06 -16.20
CA THR C 102 9.13 5.69 -16.60
C THR C 102 10.58 5.36 -16.31
N VAL C 103 10.84 4.13 -15.90
CA VAL C 103 12.22 3.76 -15.68
C VAL C 103 12.56 2.74 -16.75
N CYS C 104 13.72 2.87 -17.36
CA CYS C 104 14.09 1.96 -18.44
C CYS C 104 15.20 0.97 -18.10
N LYS C 105 15.10 -0.21 -18.71
CA LYS C 105 16.09 -1.26 -18.50
C LYS C 105 17.02 -1.43 -19.71
N ILE C 106 18.30 -1.14 -19.52
CA ILE C 106 19.26 -1.30 -20.60
C ILE C 106 19.95 -2.62 -20.36
N PRO C 107 19.50 -3.68 -21.05
CA PRO C 107 20.01 -5.05 -21.00
C PRO C 107 21.53 -5.13 -20.95
N PRO C 108 22.09 -6.16 -20.28
CA PRO C 108 23.55 -6.20 -20.27
C PRO C 108 24.01 -6.39 -21.71
N GLY C 109 25.01 -5.62 -22.10
CA GLY C 109 25.53 -5.69 -23.45
C GLY C 109 24.87 -4.68 -24.36
N CYS C 110 23.86 -3.97 -23.86
CA CYS C 110 23.17 -2.96 -24.69
C CYS C 110 23.48 -1.48 -24.46
N SER C 111 22.92 -0.62 -25.31
CA SER C 111 23.20 0.80 -25.18
C SER C 111 21.94 1.60 -25.39
N LEU C 112 21.98 2.87 -25.00
CA LEU C 112 20.81 3.74 -25.12
C LEU C 112 21.16 5.21 -24.98
N LYS C 113 20.55 6.03 -25.82
CA LYS C 113 20.81 7.47 -25.76
C LYS C 113 19.92 8.03 -24.68
N ILE C 114 20.52 8.23 -23.50
CA ILE C 114 19.74 8.75 -22.38
C ILE C 114 19.48 10.23 -22.45
N PHE C 115 20.16 10.91 -23.35
CA PHE C 115 19.94 12.34 -23.46
C PHE C 115 20.19 12.89 -24.86
N ASN C 116 19.15 13.52 -25.42
CA ASN C 116 19.21 14.14 -26.74
C ASN C 116 19.20 15.66 -26.57
N ASN C 117 20.28 16.32 -27.02
CA ASN C 117 20.41 17.77 -26.89
C ASN C 117 19.51 18.67 -27.74
N GLN C 118 19.23 18.29 -28.98
CA GLN C 118 18.36 19.11 -29.80
C GLN C 118 17.00 19.21 -29.16
N GLU C 119 16.40 18.05 -28.97
CA GLU C 119 15.07 17.94 -28.38
C GLU C 119 14.97 18.86 -27.20
N PHE C 120 16.05 18.91 -26.43
CA PHE C 120 16.15 19.76 -25.25
C PHE C 120 16.07 21.21 -25.68
N ALA C 121 17.02 21.60 -26.52
CA ALA C 121 17.08 22.95 -27.03
C ALA C 121 15.72 23.41 -27.49
N GLN C 122 14.95 22.48 -28.04
CA GLN C 122 13.61 22.78 -28.51
C GLN C 122 12.70 23.01 -27.31
N LEU C 123 12.54 21.99 -26.48
CA LEU C 123 11.72 22.10 -25.27
C LEU C 123 11.96 23.45 -24.63
N LEU C 124 13.23 23.79 -24.47
CA LEU C 124 13.61 25.04 -23.85
C LEU C 124 12.97 26.19 -24.61
N SER C 125 13.27 26.27 -25.90
CA SER C 125 12.74 27.32 -26.77
C SER C 125 11.23 27.27 -26.89
N GLN C 126 10.69 26.07 -26.90
CA GLN C 126 9.26 25.87 -27.02
C GLN C 126 8.54 26.27 -25.75
N SER C 127 9.31 26.63 -24.73
CA SER C 127 8.71 26.97 -23.46
C SER C 127 9.01 28.35 -22.89
N VAL C 128 10.12 28.94 -23.29
CA VAL C 128 10.47 30.27 -22.78
C VAL C 128 9.22 31.14 -22.85
N ASN C 129 8.42 30.90 -23.88
CA ASN C 129 7.18 31.62 -24.09
C ASN C 129 6.06 30.74 -23.58
N ASN C 130 6.05 30.54 -22.27
CA ASN C 130 5.03 29.71 -21.69
C ASN C 130 5.09 29.84 -20.17
N GLY C 131 5.91 30.79 -19.72
CA GLY C 131 6.05 31.02 -18.29
C GLY C 131 7.43 30.74 -17.72
N PHE C 132 7.71 31.32 -16.55
CA PHE C 132 8.98 31.08 -15.92
C PHE C 132 8.90 29.65 -15.43
N GLU C 133 7.83 29.33 -14.70
CA GLU C 133 7.71 27.98 -14.18
C GLU C 133 7.99 26.96 -15.27
N ALA C 134 7.44 27.19 -16.46
CA ALA C 134 7.65 26.25 -17.56
C ALA C 134 9.12 25.98 -17.78
N VAL C 135 9.85 27.03 -18.09
CA VAL C 135 11.25 26.86 -18.35
C VAL C 135 12.00 26.32 -17.16
N TYR C 136 11.57 26.63 -15.94
CA TYR C 136 12.29 26.13 -14.77
C TYR C 136 12.26 24.60 -14.61
N GLU C 137 11.09 23.98 -14.69
CA GLU C 137 11.07 22.54 -14.49
C GLU C 137 11.84 21.72 -15.51
N LEU C 138 12.31 22.39 -16.54
CA LEU C 138 13.11 21.71 -17.54
C LEU C 138 14.40 21.40 -16.79
N THR C 139 14.54 22.01 -15.63
CA THR C 139 15.70 21.84 -14.78
C THR C 139 15.87 20.38 -14.38
N LYS C 140 14.75 19.71 -14.12
CA LYS C 140 14.75 18.32 -13.74
C LYS C 140 15.30 17.41 -14.83
N MET C 141 15.31 17.87 -16.08
CA MET C 141 15.83 17.03 -17.16
C MET C 141 17.33 17.05 -17.18
N CYS C 142 17.96 17.94 -16.43
CA CYS C 142 19.41 18.01 -16.40
C CYS C 142 19.99 17.02 -15.41
N THR C 143 19.10 16.30 -14.72
CA THR C 143 19.54 15.30 -13.77
C THR C 143 18.99 13.94 -14.14
N ILE C 144 19.89 12.97 -14.22
CA ILE C 144 19.51 11.62 -14.58
C ILE C 144 19.92 10.64 -13.49
N ARG C 145 19.00 9.74 -13.15
CA ARG C 145 19.24 8.74 -12.11
C ARG C 145 19.11 7.30 -12.61
N MET C 146 20.15 6.50 -12.40
CA MET C 146 20.12 5.12 -12.85
C MET C 146 20.73 4.17 -11.81
N SER C 147 20.05 3.07 -11.55
CA SER C 147 20.49 2.08 -10.57
C SER C 147 21.14 0.86 -11.21
N PHE C 148 21.94 0.14 -10.43
CA PHE C 148 22.63 -1.04 -10.94
C PHE C 148 21.99 -2.35 -10.60
N VAL C 149 21.83 -3.21 -11.60
CA VAL C 149 21.25 -4.53 -11.41
C VAL C 149 19.80 -4.63 -10.91
N LYS C 150 19.43 -3.86 -9.88
CA LYS C 150 18.05 -3.89 -9.38
C LYS C 150 17.28 -2.71 -9.99
N GLY C 151 15.95 -2.81 -10.05
CA GLY C 151 15.17 -1.73 -10.63
C GLY C 151 14.22 -1.06 -9.66
N TRP C 152 13.39 -0.14 -10.15
CA TRP C 152 12.43 0.55 -9.28
C TRP C 152 11.22 1.15 -10.01
N GLY C 153 10.44 1.98 -9.31
CA GLY C 153 9.26 2.57 -9.91
C GLY C 153 8.12 1.57 -10.05
N ALA C 154 7.11 1.92 -10.83
CA ALA C 154 5.99 1.01 -11.04
C ALA C 154 6.55 -0.26 -11.69
N GLU C 155 5.67 -1.15 -12.14
CA GLU C 155 6.11 -2.39 -12.79
C GLU C 155 7.20 -3.12 -11.99
N TYR C 156 7.38 -2.75 -10.73
CA TYR C 156 8.38 -3.39 -9.84
C TYR C 156 7.88 -3.30 -8.41
N HIS C 157 8.63 -3.89 -7.47
CA HIS C 157 8.25 -3.84 -6.06
C HIS C 157 8.73 -2.50 -5.54
N ARG C 158 10.06 -2.35 -5.52
CA ARG C 158 10.74 -1.15 -5.05
C ARG C 158 10.19 0.04 -5.86
N GLN C 159 9.63 1.04 -5.18
CA GLN C 159 9.03 2.15 -5.92
C GLN C 159 9.81 3.48 -6.07
N ASP C 160 10.96 3.62 -5.40
CA ASP C 160 11.79 4.84 -5.53
C ASP C 160 13.26 4.40 -5.61
N VAL C 161 14.06 5.10 -6.42
CA VAL C 161 15.48 4.78 -6.59
C VAL C 161 16.18 4.57 -5.25
N THR C 162 15.69 5.25 -4.22
CA THR C 162 16.25 5.11 -2.88
C THR C 162 16.11 3.66 -2.44
N SER C 163 15.14 2.98 -3.05
CA SER C 163 14.83 1.58 -2.77
C SER C 163 15.92 0.63 -3.26
N THR C 164 16.77 1.12 -4.15
CA THR C 164 17.83 0.27 -4.67
C THR C 164 19.08 0.40 -3.81
N PRO C 165 19.85 -0.69 -3.73
CA PRO C 165 21.08 -0.71 -2.94
C PRO C 165 22.14 0.26 -3.44
N CYS C 166 22.30 0.34 -4.77
CA CYS C 166 23.30 1.23 -5.37
C CYS C 166 22.77 1.86 -6.66
N TRP C 167 23.01 3.15 -6.83
CA TRP C 167 22.58 3.88 -8.00
C TRP C 167 23.41 5.13 -8.17
N ILE C 168 23.19 5.85 -9.25
CA ILE C 168 23.93 7.08 -9.47
C ILE C 168 23.02 8.21 -9.84
N GLU C 169 23.58 9.40 -9.79
CA GLU C 169 22.87 10.61 -10.15
C GLU C 169 23.83 11.35 -11.07
N ILE C 170 23.41 11.53 -12.30
CA ILE C 170 24.22 12.22 -13.27
C ILE C 170 23.68 13.63 -13.48
N HIS C 171 24.58 14.62 -13.46
CA HIS C 171 24.18 16.01 -13.65
C HIS C 171 24.77 16.52 -14.95
N LEU C 172 23.89 16.92 -15.87
CA LEU C 172 24.33 17.45 -17.14
C LEU C 172 24.40 18.98 -17.07
N HIS C 173 25.61 19.49 -16.83
CA HIS C 173 25.85 20.93 -16.73
C HIS C 173 25.55 21.60 -18.04
N GLY C 174 25.95 20.98 -19.14
CA GLY C 174 25.67 21.57 -20.42
C GLY C 174 24.26 22.13 -20.34
N PRO C 175 23.24 21.27 -20.31
CA PRO C 175 21.83 21.65 -20.21
C PRO C 175 21.51 22.71 -19.17
N LEU C 176 22.07 22.56 -17.95
CA LEU C 176 21.82 23.52 -16.87
C LEU C 176 22.30 24.91 -17.24
N GLN C 177 23.58 25.02 -17.59
CA GLN C 177 24.18 26.29 -18.00
C GLN C 177 23.17 27.10 -18.80
N TRP C 178 22.73 26.55 -19.92
CA TRP C 178 21.75 27.22 -20.76
C TRP C 178 20.57 27.70 -19.93
N LEU C 179 19.91 26.71 -19.34
CA LEU C 179 18.75 26.93 -18.51
C LEU C 179 18.86 28.19 -17.66
N ASP C 180 20.00 28.39 -17.00
CA ASP C 180 20.17 29.58 -16.15
C ASP C 180 20.14 30.84 -17.02
N LYS C 181 20.98 30.88 -18.05
CA LYS C 181 21.07 32.04 -18.93
C LYS C 181 19.73 32.39 -19.57
N VAL C 182 18.81 31.43 -19.64
CA VAL C 182 17.49 31.65 -20.22
C VAL C 182 16.55 32.35 -19.23
N LEU C 183 16.62 31.87 -17.97
CA LEU C 183 15.84 32.41 -16.88
C LEU C 183 16.35 33.80 -16.51
N THR C 184 17.67 33.94 -16.37
CA THR C 184 18.26 35.23 -16.00
C THR C 184 17.81 36.28 -17.00
N GLN C 185 18.05 36.02 -18.27
CA GLN C 185 17.65 36.97 -19.30
C GLN C 185 16.12 37.25 -19.29
N MET C 186 15.35 36.48 -18.52
CA MET C 186 13.90 36.66 -18.45
C MET C 186 13.44 37.60 -17.34
N GLY C 187 14.38 38.29 -16.71
CA GLY C 187 14.05 39.13 -15.58
C GLY C 187 13.59 40.56 -15.70
N SER C 188 12.26 40.70 -15.56
CA SER C 188 11.49 41.94 -15.54
C SER C 188 12.15 43.32 -15.65
#